data_6M2H
#
_entry.id   6M2H
#
_cell.length_a   68.880
_cell.length_b   68.880
_cell.length_c   83.000
_cell.angle_alpha   90.000
_cell.angle_beta   90.000
_cell.angle_gamma   90.000
#
_symmetry.space_group_name_H-M   'P 41'
#
loop_
_entity.id
_entity.type
_entity.pdbx_description
1 polymer 'Sirohydrochlorin cobaltochelatase'
2 non-polymer 'NICKEL (II) ION'
3 non-polymer "3,3',3'',3'''-[(7S,8S,12S,13S)-3,8,13,17-tetrakis(carboxymethyl)-8,13-dimethyl-7,8,12,13-tetrahydroporphyrin-2,7,12,18-tetrayl]tetrapropanoic acid"
#
_entity_poly.entity_id   1
_entity_poly.type   'polypeptide(L)'
_entity_poly.pdbx_seq_one_letter_code
;MEALVLVGHGSRLPYSKELLVKLAEKVKERNLFPIVEIGLMEFSEPTIPQAVKKAIEQGAKRIIVVPVFLAHGIHTTRDI
PRLLGLIEDNHEHHHEHSHHHHHHHHHEHEKLEIPEDVEIIYREPIGADDRIVDIIIDRAFGR
;
_entity_poly.pdbx_strand_id   A,B
#
loop_
_chem_comp.id
_chem_comp.type
_chem_comp.name
_chem_comp.formula
NI non-polymer 'NICKEL (II) ION' 'Ni 2'
SHN non-polymer '3,3',3'',3'''-[(7S,8S,12S,13S)-3,8,13,17-tetrakis(carboxymethyl)-8,13-dimethyl-7,8,12,13-tetrahydroporphyrin-2,7,12,18-tetrayl]tetrapropanoic acid' 'C42 H46 N4 O16'
#
# COMPACT_ATOMS: atom_id res chain seq x y z
N MET A 1 11.20 23.17 12.39
CA MET A 1 12.37 22.45 13.00
C MET A 1 12.33 20.97 12.61
N GLU A 2 11.13 20.41 12.51
CA GLU A 2 10.90 19.05 12.04
C GLU A 2 10.05 19.07 10.78
N ALA A 3 10.36 18.20 9.82
CA ALA A 3 9.56 18.11 8.61
C ALA A 3 9.12 16.67 8.39
N LEU A 4 7.89 16.50 7.90
CA LEU A 4 7.38 15.22 7.47
C LEU A 4 7.50 15.12 5.95
N VAL A 5 8.18 14.07 5.48
CA VAL A 5 8.24 13.76 4.06
C VAL A 5 7.57 12.42 3.82
N LEU A 6 6.46 12.47 3.09
CA LEU A 6 5.81 11.26 2.63
C LEU A 6 6.47 10.80 1.34
N VAL A 7 6.76 9.51 1.29
CA VAL A 7 7.50 8.96 0.17
C VAL A 7 6.69 7.82 -0.42
N GLY A 8 6.61 7.82 -1.75
CA GLY A 8 5.75 6.89 -2.49
C GLY A 8 6.56 6.23 -3.58
N HIS A 9 6.03 5.14 -4.17
CA HIS A 9 6.65 4.44 -5.28
C HIS A 9 6.75 5.35 -6.52
N GLY A 10 5.60 5.83 -7.00
CA GLY A 10 5.49 6.42 -8.33
C GLY A 10 4.96 5.38 -9.32
N SER A 11 4.14 5.84 -10.30
CA SER A 11 3.77 4.99 -11.43
C SER A 11 3.83 5.76 -12.74
N ARG A 12 3.61 5.01 -13.82
CA ARG A 12 3.50 5.67 -15.11
C ARG A 12 2.11 6.27 -15.25
N LEU A 13 1.14 5.67 -14.56
CA LEU A 13 -0.18 6.26 -14.39
C LEU A 13 -0.09 7.35 -13.32
N PRO A 14 -1.04 8.30 -13.26
CA PRO A 14 -0.99 9.39 -12.28
C PRO A 14 -1.56 9.09 -10.89
N TYR A 15 -2.19 7.91 -10.74
CA TYR A 15 -3.08 7.67 -9.61
C TYR A 15 -2.30 7.70 -8.31
N SER A 16 -1.15 7.03 -8.35
CA SER A 16 -0.19 6.92 -7.28
C SER A 16 0.16 8.29 -6.68
N LYS A 17 0.58 9.22 -7.53
CA LYS A 17 0.97 10.54 -7.08
C LYS A 17 -0.23 11.31 -6.54
N GLU A 18 -1.39 11.21 -7.19
CA GLU A 18 -2.60 11.81 -6.67
C GLU A 18 -2.82 11.39 -5.22
N LEU A 19 -2.62 10.10 -4.93
CA LEU A 19 -2.81 9.49 -3.63
C LEU A 19 -1.88 10.15 -2.61
N LEU A 20 -0.59 10.22 -2.95
CA LEU A 20 0.37 10.86 -2.07
C LEU A 20 -0.11 12.26 -1.78
N VAL A 21 -0.66 12.90 -2.81
CA VAL A 21 -0.88 14.33 -2.69
C VAL A 21 -2.07 14.55 -1.77
N LYS A 22 -3.12 13.76 -1.96
CA LYS A 22 -4.31 13.78 -1.13
C LYS A 22 -3.89 13.42 0.30
N LEU A 23 -2.92 12.50 0.44
CA LEU A 23 -2.53 12.13 1.79
C LEU A 23 -1.89 13.33 2.46
N ALA A 24 -0.93 13.97 1.78
CA ALA A 24 -0.29 15.17 2.30
C ALA A 24 -1.31 16.23 2.69
N GLU A 25 -2.27 16.49 1.79
CA GLU A 25 -3.30 17.49 2.03
C GLU A 25 -3.96 17.18 3.37
N LYS A 26 -4.36 15.91 3.56
CA LYS A 26 -5.11 15.54 4.74
C LYS A 26 -4.28 15.76 5.99
N VAL A 27 -2.98 15.46 5.94
CA VAL A 27 -2.21 15.61 7.16
C VAL A 27 -1.95 17.09 7.42
N LYS A 28 -1.77 17.88 6.35
CA LYS A 28 -1.70 19.33 6.47
C LYS A 28 -2.93 19.86 7.22
N GLU A 29 -4.10 19.35 6.87
CA GLU A 29 -5.38 19.75 7.44
C GLU A 29 -5.45 19.42 8.94
N ARG A 30 -4.55 18.56 9.45
CA ARG A 30 -4.62 18.19 10.86
C ARG A 30 -3.68 19.05 11.71
N ASN A 31 -2.94 19.96 11.07
CA ASN A 31 -2.03 20.87 11.78
C ASN A 31 -1.17 20.16 12.84
N LEU A 32 -0.31 19.22 12.44
CA LEU A 32 0.56 18.55 13.39
C LEU A 32 2.03 18.82 13.09
N PHE A 33 2.34 19.20 11.85
CA PHE A 33 3.72 19.39 11.47
C PHE A 33 3.93 20.76 10.83
N PRO A 34 5.13 21.36 11.03
CA PRO A 34 5.45 22.69 10.48
C PRO A 34 5.55 22.62 8.97
N ILE A 35 6.17 21.55 8.47
CA ILE A 35 6.50 21.34 7.07
C ILE A 35 6.06 19.94 6.68
N VAL A 36 5.42 19.83 5.50
CA VAL A 36 4.94 18.56 5.00
C VAL A 36 5.17 18.48 3.48
N GLU A 37 5.98 17.51 3.07
CA GLU A 37 6.41 17.39 1.70
C GLU A 37 6.21 15.96 1.15
N ILE A 38 6.05 15.84 -0.18
CA ILE A 38 6.02 14.51 -0.79
C ILE A 38 7.15 14.36 -1.80
N GLY A 39 7.58 13.11 -2.00
CA GLY A 39 8.52 12.67 -3.00
C GLY A 39 8.17 11.28 -3.55
N LEU A 40 8.30 11.10 -4.87
CA LEU A 40 8.15 9.78 -5.45
C LEU A 40 9.52 9.22 -5.76
N MET A 41 9.61 7.89 -5.64
CA MET A 41 10.82 7.16 -5.95
C MET A 41 11.11 7.23 -7.44
N GLU A 42 10.18 6.77 -8.30
CA GLU A 42 10.39 6.79 -9.74
C GLU A 42 9.19 7.37 -10.49
N PHE A 43 9.46 7.80 -11.74
CA PHE A 43 8.52 8.20 -12.78
C PHE A 43 8.04 9.63 -12.59
N SER A 44 8.01 10.11 -11.34
CA SER A 44 7.30 11.36 -11.14
C SER A 44 8.13 12.36 -10.37
N GLU A 45 7.66 13.61 -10.43
CA GLU A 45 8.18 14.68 -9.61
C GLU A 45 7.09 15.09 -8.64
N PRO A 46 7.44 15.57 -7.41
CA PRO A 46 8.81 15.66 -6.95
C PRO A 46 9.47 14.33 -6.69
N THR A 47 10.81 14.30 -6.78
CA THR A 47 11.57 13.12 -6.43
C THR A 47 11.88 13.15 -4.93
N ILE A 48 12.39 12.04 -4.40
CA ILE A 48 12.65 11.96 -2.98
C ILE A 48 13.70 13.02 -2.61
N PRO A 49 14.89 13.03 -3.24
CA PRO A 49 15.92 14.01 -2.89
C PRO A 49 15.43 15.45 -3.05
N GLN A 50 14.63 15.70 -4.10
CA GLN A 50 14.00 17.01 -4.24
C GLN A 50 13.15 17.39 -3.03
N ALA A 51 12.32 16.46 -2.54
CA ALA A 51 11.45 16.75 -1.41
C ALA A 51 12.28 16.95 -0.14
N VAL A 52 13.32 16.13 0.02
CA VAL A 52 14.17 16.31 1.18
C VAL A 52 14.85 17.68 1.13
N LYS A 53 15.34 18.11 -0.05
CA LYS A 53 16.03 19.39 -0.12
C LYS A 53 15.03 20.52 0.17
N LYS A 54 13.86 20.45 -0.48
CA LYS A 54 12.81 21.42 -0.27
C LYS A 54 12.48 21.56 1.22
N ALA A 55 12.64 20.48 2.00
CA ALA A 55 12.29 20.51 3.41
C ALA A 55 13.36 21.25 4.21
N ILE A 56 14.64 20.97 3.89
CA ILE A 56 15.77 21.63 4.51
C ILE A 56 15.73 23.13 4.21
N GLU A 57 15.41 23.48 2.97
CA GLU A 57 15.43 24.87 2.54
C GLU A 57 14.36 25.67 3.31
N GLN A 58 13.40 24.98 3.93
CA GLN A 58 12.39 25.70 4.72
C GLN A 58 12.80 25.72 6.19
N GLY A 59 14.01 25.22 6.48
CA GLY A 59 14.62 25.24 7.80
C GLY A 59 14.16 24.08 8.67
N ALA A 60 14.48 22.87 8.24
CA ALA A 60 14.12 21.72 9.04
C ALA A 60 15.41 21.02 9.39
N LYS A 61 15.55 20.64 10.66
CA LYS A 61 16.80 20.04 11.10
C LYS A 61 16.57 18.54 11.28
N ARG A 62 15.32 18.18 11.60
CA ARG A 62 14.91 16.79 11.77
C ARG A 62 13.87 16.45 10.72
N ILE A 63 14.26 15.56 9.80
CA ILE A 63 13.39 15.19 8.69
C ILE A 63 12.82 13.79 8.90
N ILE A 64 11.51 13.72 9.11
CA ILE A 64 10.78 12.48 9.29
C ILE A 64 10.31 11.98 7.92
N VAL A 65 10.92 10.88 7.48
CA VAL A 65 10.52 10.28 6.21
C VAL A 65 9.70 9.04 6.49
N VAL A 66 8.43 9.08 6.07
CA VAL A 66 7.54 7.95 6.17
C VAL A 66 7.31 7.30 4.80
N PRO A 67 7.73 6.03 4.62
CA PRO A 67 7.42 5.28 3.40
C PRO A 67 5.96 4.83 3.35
N VAL A 68 5.18 5.44 2.46
CA VAL A 68 3.76 5.14 2.29
C VAL A 68 3.72 3.93 1.37
N PHE A 69 3.95 2.77 1.96
CA PHE A 69 4.02 1.48 1.28
C PHE A 69 3.39 0.48 2.24
N LEU A 70 2.77 -0.58 1.74
CA LEU A 70 2.10 -1.52 2.64
C LEU A 70 3.14 -2.37 3.37
N ALA A 71 4.13 -2.84 2.63
CA ALA A 71 5.08 -3.82 3.14
C ALA A 71 6.51 -3.31 2.93
N HIS A 72 7.46 -3.99 3.57
CA HIS A 72 8.85 -3.78 3.24
C HIS A 72 9.12 -4.50 1.93
N GLY A 73 10.03 -3.92 1.14
CA GLY A 73 10.57 -4.60 -0.02
C GLY A 73 11.91 -3.99 -0.41
N ILE A 74 12.30 -4.17 -1.67
CA ILE A 74 13.56 -3.62 -2.15
C ILE A 74 13.54 -2.10 -2.05
N HIS A 75 12.38 -1.52 -2.38
CA HIS A 75 12.29 -0.08 -2.43
C HIS A 75 12.53 0.47 -1.04
N THR A 76 11.90 -0.14 -0.03
CA THR A 76 11.97 0.42 1.32
C THR A 76 13.25 0.04 2.07
N THR A 77 14.00 -0.97 1.61
CA THR A 77 15.16 -1.42 2.38
C THR A 77 16.48 -1.07 1.69
N ARG A 78 16.51 -1.01 0.35
CA ARG A 78 17.68 -0.56 -0.39
C ARG A 78 17.49 0.89 -0.88
N ASP A 79 16.73 1.04 -1.98
CA ASP A 79 16.70 2.23 -2.81
C ASP A 79 16.50 3.49 -1.96
N ILE A 80 15.51 3.46 -1.06
CA ILE A 80 15.13 4.68 -0.36
C ILE A 80 16.20 5.04 0.66
N PRO A 81 16.68 4.08 1.50
CA PRO A 81 17.70 4.42 2.48
C PRO A 81 18.93 4.92 1.75
N ARG A 82 19.18 4.39 0.54
CA ARG A 82 20.30 4.79 -0.28
C ARG A 82 20.15 6.25 -0.67
N LEU A 83 18.97 6.57 -1.24
CA LEU A 83 18.64 7.92 -1.70
C LEU A 83 18.74 8.94 -0.58
N LEU A 84 18.53 8.55 0.68
CA LEU A 84 18.64 9.45 1.82
C LEU A 84 20.05 9.36 2.39
N GLY A 85 20.92 8.65 1.65
CA GLY A 85 22.31 8.40 2.02
C GLY A 85 22.45 7.84 3.45
N LEU A 86 21.59 6.88 3.80
CA LEU A 86 21.64 6.27 5.13
C LEU A 86 22.46 5.01 5.06
N ILE A 87 22.77 4.52 3.84
CA ILE A 87 23.70 3.40 3.72
C ILE A 87 24.81 3.70 2.72
N GLU A 88 24.47 4.37 1.60
CA GLU A 88 25.37 4.54 0.46
C GLU A 88 25.62 3.17 -0.21
N GLU A 113 24.06 14.80 0.11
CA GLU A 113 23.81 16.24 -0.17
C GLU A 113 23.25 16.90 1.10
N ILE A 114 23.37 16.19 2.24
CA ILE A 114 22.69 16.55 3.48
C ILE A 114 23.67 17.31 4.38
N PRO A 115 23.36 18.56 4.79
CA PRO A 115 24.14 19.24 5.84
C PRO A 115 24.36 18.32 7.05
N GLU A 116 25.58 18.32 7.56
CA GLU A 116 26.03 17.41 8.60
C GLU A 116 25.16 17.54 9.85
N ASP A 117 24.53 18.71 10.02
CA ASP A 117 23.79 19.06 11.23
C ASP A 117 22.29 18.83 11.07
N VAL A 118 21.95 18.00 10.08
CA VAL A 118 20.58 17.59 9.81
C VAL A 118 20.52 16.06 9.95
N GLU A 119 19.47 15.55 10.61
CA GLU A 119 19.28 14.11 10.66
C GLU A 119 17.98 13.73 9.94
N ILE A 120 18.11 12.70 9.11
CA ILE A 120 16.96 12.07 8.50
C ILE A 120 16.53 10.95 9.43
N ILE A 121 15.23 10.90 9.74
CA ILE A 121 14.65 9.80 10.51
C ILE A 121 13.75 8.95 9.62
N TYR A 122 14.23 7.74 9.30
CA TYR A 122 13.55 6.87 8.36
C TYR A 122 12.54 5.96 9.08
N ARG A 123 11.27 6.22 8.84
CA ARG A 123 10.24 5.49 9.55
C ARG A 123 9.86 4.16 8.88
N GLU A 124 8.79 3.57 9.40
CA GLU A 124 8.39 2.20 9.14
C GLU A 124 7.24 2.27 8.13
N PRO A 125 7.00 1.25 7.28
CA PRO A 125 5.79 1.26 6.46
C PRO A 125 4.52 0.91 7.24
N ILE A 126 3.41 0.93 6.53
CA ILE A 126 2.08 0.76 7.06
C ILE A 126 1.95 -0.58 7.79
N GLY A 127 2.31 -1.68 7.12
CA GLY A 127 2.25 -3.00 7.70
C GLY A 127 0.83 -3.50 7.94
N ALA A 128 0.71 -4.62 8.68
CA ALA A 128 -0.56 -5.29 8.95
C ALA A 128 -1.25 -4.68 10.18
N ASP A 129 -1.64 -3.43 10.02
CA ASP A 129 -2.27 -2.65 11.03
C ASP A 129 -3.77 -2.95 10.99
N ASP A 130 -4.37 -3.01 12.19
CA ASP A 130 -5.79 -3.31 12.37
C ASP A 130 -6.66 -2.40 11.51
N ARG A 131 -6.23 -1.13 11.34
CA ARG A 131 -7.04 -0.15 10.64
C ARG A 131 -7.08 -0.49 9.16
N ILE A 132 -6.06 -1.22 8.68
CA ILE A 132 -6.04 -1.72 7.32
C ILE A 132 -7.08 -2.82 7.17
N VAL A 133 -7.21 -3.68 8.19
CA VAL A 133 -8.23 -4.72 8.08
C VAL A 133 -9.64 -4.09 8.13
N ASP A 134 -9.81 -3.02 8.92
CA ASP A 134 -11.03 -2.23 8.83
C ASP A 134 -11.27 -1.76 7.39
N ILE A 135 -10.23 -1.17 6.78
CA ILE A 135 -10.39 -0.62 5.44
C ILE A 135 -10.73 -1.72 4.46
N ILE A 136 -10.01 -2.84 4.53
CA ILE A 136 -10.23 -3.95 3.63
C ILE A 136 -11.67 -4.44 3.72
N ILE A 137 -12.21 -4.51 4.94
CA ILE A 137 -13.54 -5.04 5.16
C ILE A 137 -14.54 -4.12 4.47
N ASP A 138 -14.37 -2.80 4.63
CA ASP A 138 -15.18 -1.81 3.96
C ASP A 138 -15.13 -2.01 2.45
N ARG A 139 -13.92 -2.26 1.93
CA ARG A 139 -13.75 -2.41 0.49
C ARG A 139 -14.49 -3.64 -0.02
N ALA A 140 -14.48 -4.72 0.77
CA ALA A 140 -15.22 -5.93 0.39
C ALA A 140 -16.68 -5.60 0.14
N PHE A 141 -17.25 -4.69 0.96
CA PHE A 141 -18.67 -4.38 0.96
C PHE A 141 -19.01 -3.20 0.04
N GLY A 142 -18.05 -2.79 -0.80
CA GLY A 142 -18.27 -1.75 -1.78
C GLY A 142 -18.52 -0.41 -1.10
N ARG A 143 -18.13 -0.32 0.18
CA ARG A 143 -18.19 0.91 0.96
C ARG A 143 -16.78 1.51 1.04
N MET B 1 -20.94 -19.38 0.35
CA MET B 1 -21.67 -18.83 -0.84
C MET B 1 -20.91 -17.63 -1.41
N GLU B 2 -20.30 -16.84 -0.53
CA GLU B 2 -19.44 -15.72 -0.90
C GLU B 2 -18.03 -15.97 -0.34
N ALA B 3 -17.02 -15.64 -1.14
CA ALA B 3 -15.64 -15.78 -0.67
C ALA B 3 -14.91 -14.46 -0.85
N LEU B 4 -14.06 -14.14 0.12
CA LEU B 4 -13.15 -13.00 0.05
C LEU B 4 -11.78 -13.49 -0.39
N VAL B 5 -11.27 -12.90 -1.49
CA VAL B 5 -9.90 -13.12 -1.91
C VAL B 5 -9.11 -11.81 -1.80
N LEU B 6 -8.14 -11.79 -0.90
CA LEU B 6 -7.19 -10.70 -0.83
C LEU B 6 -6.08 -10.92 -1.84
N VAL B 7 -5.75 -9.86 -2.57
CA VAL B 7 -4.78 -9.99 -3.63
C VAL B 7 -3.70 -8.93 -3.42
N GLY B 8 -2.45 -9.39 -3.58
CA GLY B 8 -1.28 -8.58 -3.33
C GLY B 8 -0.37 -8.60 -4.54
N HIS B 9 0.62 -7.69 -4.57
CA HIS B 9 1.64 -7.62 -5.60
C HIS B 9 2.49 -8.91 -5.59
N GLY B 10 3.13 -9.21 -4.46
CA GLY B 10 4.20 -10.19 -4.45
C GLY B 10 5.56 -9.48 -4.49
N SER B 11 6.59 -10.17 -3.99
CA SER B 11 7.90 -9.60 -3.79
C SER B 11 8.91 -10.72 -3.94
N ARG B 12 10.17 -10.38 -4.24
CA ARG B 12 11.19 -11.41 -4.15
C ARG B 12 11.59 -11.59 -2.68
N LEU B 13 11.45 -10.52 -1.89
CA LEU B 13 11.53 -10.62 -0.44
C LEU B 13 10.23 -11.21 0.11
N PRO B 14 10.20 -11.75 1.34
CA PRO B 14 9.01 -12.44 1.83
C PRO B 14 7.96 -11.55 2.51
N TYR B 15 8.30 -10.27 2.72
CA TYR B 15 7.59 -9.39 3.63
C TYR B 15 6.16 -9.20 3.16
N SER B 16 6.03 -8.95 1.87
CA SER B 16 4.78 -8.74 1.16
C SER B 16 3.79 -9.86 1.45
N LYS B 17 4.20 -11.13 1.23
CA LYS B 17 3.31 -12.25 1.46
C LYS B 17 2.97 -12.40 2.95
N GLU B 18 3.97 -12.20 3.83
CA GLU B 18 3.68 -12.19 5.26
C GLU B 18 2.52 -11.26 5.59
N LEU B 19 2.54 -10.07 4.99
CA LEU B 19 1.57 -9.00 5.19
C LEU B 19 0.19 -9.49 4.81
N LEU B 20 0.09 -10.03 3.58
CA LEU B 20 -1.20 -10.55 3.11
C LEU B 20 -1.68 -11.59 4.11
N VAL B 21 -0.75 -12.36 4.64
CA VAL B 21 -1.17 -13.54 5.37
C VAL B 21 -1.71 -13.10 6.72
N LYS B 22 -0.99 -12.17 7.36
CA LYS B 22 -1.42 -11.56 8.60
C LYS B 22 -2.75 -10.84 8.37
N LEU B 23 -2.92 -10.24 7.17
CA LEU B 23 -4.18 -9.56 6.94
C LEU B 23 -5.31 -10.57 6.92
N ALA B 24 -5.14 -11.65 6.16
CA ALA B 24 -6.14 -12.71 6.10
C ALA B 24 -6.47 -13.23 7.50
N GLU B 25 -5.43 -13.51 8.29
CA GLU B 25 -5.61 -14.01 9.65
C GLU B 25 -6.55 -13.06 10.39
N LYS B 26 -6.26 -11.76 10.33
CA LYS B 26 -7.02 -10.80 11.11
C LYS B 26 -8.48 -10.77 10.66
N VAL B 27 -8.73 -10.89 9.34
CA VAL B 27 -10.12 -10.81 8.94
C VAL B 27 -10.84 -12.11 9.30
N LYS B 28 -10.12 -13.24 9.23
CA LYS B 28 -10.65 -14.51 9.75
C LYS B 28 -11.09 -14.35 11.21
N GLU B 29 -10.29 -13.67 12.03
CA GLU B 29 -10.56 -13.42 13.44
C GLU B 29 -11.87 -12.63 13.65
N ARG B 30 -12.39 -11.99 12.60
CA ARG B 30 -13.57 -11.17 12.78
C ARG B 30 -14.84 -11.93 12.37
N ASN B 31 -14.69 -13.16 11.88
CA ASN B 31 -15.82 -14.00 11.51
C ASN B 31 -16.87 -13.24 10.68
N LEU B 32 -16.51 -12.75 9.49
CA LEU B 32 -17.49 -12.07 8.64
C LEU B 32 -17.75 -12.89 7.39
N PHE B 33 -16.73 -13.60 6.90
CA PHE B 33 -16.85 -14.30 5.64
C PHE B 33 -16.66 -15.80 5.83
N PRO B 34 -17.39 -16.62 5.02
CA PRO B 34 -17.35 -18.08 5.12
C PRO B 34 -15.99 -18.61 4.69
N ILE B 35 -15.43 -17.99 3.63
CA ILE B 35 -14.21 -18.39 2.97
C ILE B 35 -13.33 -17.16 2.80
N VAL B 36 -12.04 -17.30 3.09
CA VAL B 36 -11.08 -16.21 3.00
C VAL B 36 -9.76 -16.72 2.44
N GLU B 37 -9.34 -16.20 1.30
CA GLU B 37 -8.19 -16.70 0.58
C GLU B 37 -7.23 -15.58 0.14
N ILE B 38 -5.94 -15.88 -0.04
CA ILE B 38 -5.01 -14.90 -0.56
C ILE B 38 -4.36 -15.43 -1.84
N GLY B 39 -3.95 -14.50 -2.70
CA GLY B 39 -3.19 -14.73 -3.91
C GLY B 39 -2.21 -13.56 -4.17
N LEU B 40 -1.00 -13.92 -4.63
CA LEU B 40 -0.07 -12.89 -5.06
C LEU B 40 -0.03 -12.87 -6.58
N MET B 41 0.19 -11.67 -7.12
CA MET B 41 0.30 -11.45 -8.54
C MET B 41 1.56 -12.13 -9.07
N GLU B 42 2.74 -11.76 -8.55
CA GLU B 42 4.03 -12.25 -9.02
C GLU B 42 4.84 -12.89 -7.87
N PHE B 43 5.79 -13.75 -8.22
CA PHE B 43 6.91 -14.24 -7.40
C PHE B 43 6.48 -15.36 -6.47
N SER B 44 5.32 -15.20 -5.83
CA SER B 44 5.01 -16.10 -4.74
C SER B 44 3.79 -16.96 -5.05
N GLU B 45 3.60 -17.98 -4.23
CA GLU B 45 2.40 -18.78 -4.21
C GLU B 45 1.72 -18.56 -2.86
N PRO B 46 0.37 -18.63 -2.75
CA PRO B 46 -0.52 -18.90 -3.89
C PRO B 46 -0.58 -17.77 -4.90
N THR B 47 -0.89 -18.16 -6.15
CA THR B 47 -1.12 -17.19 -7.20
C THR B 47 -2.58 -16.77 -7.19
N ILE B 48 -2.92 -15.72 -7.95
CA ILE B 48 -4.29 -15.22 -7.92
C ILE B 48 -5.23 -16.30 -8.44
N PRO B 49 -5.01 -16.86 -9.66
CA PRO B 49 -5.90 -17.89 -10.17
C PRO B 49 -5.99 -19.11 -9.24
N GLN B 50 -4.87 -19.49 -8.62
CA GLN B 50 -4.90 -20.55 -7.63
C GLN B 50 -5.85 -20.23 -6.47
N ALA B 51 -5.79 -18.99 -5.94
CA ALA B 51 -6.64 -18.60 -4.82
C ALA B 51 -8.11 -18.56 -5.26
N VAL B 52 -8.35 -18.04 -6.47
CA VAL B 52 -9.71 -18.03 -6.96
C VAL B 52 -10.23 -19.45 -7.11
N LYS B 53 -9.43 -20.39 -7.63
CA LYS B 53 -9.93 -21.75 -7.83
C LYS B 53 -10.20 -22.36 -6.46
N LYS B 54 -9.25 -22.21 -5.53
CA LYS B 54 -9.39 -22.72 -4.19
C LYS B 54 -10.69 -22.23 -3.56
N ALA B 55 -11.16 -21.02 -3.93
CA ALA B 55 -12.36 -20.46 -3.33
C ALA B 55 -13.62 -21.12 -3.89
N ILE B 56 -13.63 -21.34 -5.22
CA ILE B 56 -14.71 -22.01 -5.91
C ILE B 56 -14.84 -23.45 -5.41
N GLU B 57 -13.70 -24.12 -5.24
CA GLU B 57 -13.68 -25.51 -4.85
C GLU B 57 -14.28 -25.68 -3.45
N GLN B 58 -14.37 -24.60 -2.68
CA GLN B 58 -14.98 -24.70 -1.36
C GLN B 58 -16.46 -24.32 -1.42
N GLY B 59 -16.96 -24.08 -2.64
CA GLY B 59 -18.36 -23.83 -2.92
C GLY B 59 -18.72 -22.35 -2.74
N ALA B 60 -18.09 -21.49 -3.54
CA ALA B 60 -18.42 -20.09 -3.46
C ALA B 60 -18.94 -19.69 -4.82
N LYS B 61 -20.03 -18.93 -4.83
CA LYS B 61 -20.65 -18.57 -6.10
C LYS B 61 -20.32 -17.11 -6.41
N ARG B 62 -20.12 -16.33 -5.34
CA ARG B 62 -19.79 -14.92 -5.43
C ARG B 62 -18.42 -14.71 -4.80
N ILE B 63 -17.45 -14.34 -5.66
CA ILE B 63 -16.08 -14.16 -5.21
C ILE B 63 -15.72 -12.68 -5.16
N ILE B 64 -15.48 -12.20 -3.93
CA ILE B 64 -15.10 -10.82 -3.67
C ILE B 64 -13.58 -10.73 -3.68
N VAL B 65 -13.05 -10.06 -4.71
CA VAL B 65 -11.61 -9.86 -4.80
C VAL B 65 -11.29 -8.41 -4.42
N VAL B 66 -10.54 -8.27 -3.33
CA VAL B 66 -10.05 -6.98 -2.90
C VAL B 66 -8.56 -6.83 -3.20
N PRO B 67 -8.18 -5.84 -4.05
CA PRO B 67 -6.78 -5.50 -4.28
C PRO B 67 -6.18 -4.72 -3.10
N VAL B 68 -5.29 -5.37 -2.33
CA VAL B 68 -4.65 -4.77 -1.18
C VAL B 68 -3.45 -4.01 -1.74
N PHE B 69 -3.75 -2.81 -2.26
CA PHE B 69 -2.79 -1.93 -2.90
C PHE B 69 -3.21 -0.53 -2.51
N LEU B 70 -2.27 0.43 -2.41
CA LEU B 70 -2.66 1.75 -1.94
C LEU B 70 -3.38 2.50 -3.04
N ALA B 71 -2.87 2.39 -4.27
CA ALA B 71 -3.34 3.19 -5.38
C ALA B 71 -3.72 2.26 -6.53
N HIS B 72 -4.38 2.85 -7.53
CA HIS B 72 -4.55 2.15 -8.79
C HIS B 72 -3.25 2.26 -9.55
N GLY B 73 -2.95 1.22 -10.33
CA GLY B 73 -1.82 1.20 -11.23
C GLY B 73 -2.10 0.24 -12.39
N ILE B 74 -1.04 -0.12 -13.11
CA ILE B 74 -1.22 -1.11 -14.16
C ILE B 74 -1.60 -2.47 -13.55
N HIS B 75 -1.09 -2.78 -12.36
CA HIS B 75 -1.41 -4.06 -11.76
C HIS B 75 -2.91 -4.14 -11.51
N THR B 76 -3.48 -3.06 -10.95
CA THR B 76 -4.87 -3.11 -10.55
C THR B 76 -5.85 -2.85 -11.70
N THR B 77 -5.39 -2.31 -12.85
CA THR B 77 -6.32 -1.95 -13.91
C THR B 77 -6.18 -2.87 -15.13
N ARG B 78 -4.97 -3.39 -15.40
CA ARG B 78 -4.76 -4.38 -16.45
C ARG B 78 -4.66 -5.80 -15.86
N ASP B 79 -3.47 -6.12 -15.31
CA ASP B 79 -3.01 -7.47 -15.02
C ASP B 79 -4.07 -8.24 -14.24
N ILE B 80 -4.59 -7.63 -13.17
CA ILE B 80 -5.44 -8.37 -12.26
C ILE B 80 -6.79 -8.62 -12.91
N PRO B 81 -7.44 -7.60 -13.52
CA PRO B 81 -8.74 -7.84 -14.15
C PRO B 81 -8.58 -8.90 -15.24
N ARG B 82 -7.41 -8.90 -15.89
CA ARG B 82 -7.10 -9.87 -16.94
C ARG B 82 -7.08 -11.27 -16.34
N LEU B 83 -6.28 -11.44 -15.28
CA LEU B 83 -6.13 -12.71 -14.56
C LEU B 83 -7.47 -13.26 -14.08
N LEU B 84 -8.46 -12.40 -13.79
CA LEU B 84 -9.77 -12.85 -13.35
C LEU B 84 -10.69 -12.93 -14.57
N GLY B 85 -10.08 -12.80 -15.76
CA GLY B 85 -10.77 -12.79 -17.04
C GLY B 85 -11.97 -11.85 -17.08
N LEU B 86 -11.79 -10.62 -16.58
CA LEU B 86 -12.81 -9.58 -16.69
C LEU B 86 -12.53 -8.70 -17.90
N ILE B 87 -11.40 -8.95 -18.57
CA ILE B 87 -10.98 -8.16 -19.72
C ILE B 87 -10.78 -9.14 -20.88
N GLU B 88 -9.82 -10.05 -20.69
CA GLU B 88 -9.61 -11.13 -21.64
C GLU B 88 -10.24 -12.42 -21.08
N GLU B 113 -12.07 -21.47 -17.98
CA GLU B 113 -11.60 -20.53 -16.93
C GLU B 113 -12.36 -20.77 -15.63
N ILE B 114 -13.51 -20.08 -15.47
CA ILE B 114 -14.32 -20.09 -14.26
C ILE B 114 -15.72 -20.58 -14.61
N PRO B 115 -16.37 -21.41 -13.77
CA PRO B 115 -17.76 -21.83 -13.99
C PRO B 115 -18.66 -20.64 -14.33
N GLU B 116 -19.49 -20.84 -15.35
CA GLU B 116 -20.35 -19.83 -15.96
C GLU B 116 -21.22 -19.15 -14.90
N ASP B 117 -21.54 -19.91 -13.85
CA ASP B 117 -22.56 -19.57 -12.87
C ASP B 117 -21.92 -18.98 -11.61
N VAL B 118 -20.68 -18.51 -11.76
CA VAL B 118 -19.92 -17.88 -10.69
C VAL B 118 -19.57 -16.46 -11.15
N GLU B 119 -19.74 -15.47 -10.26
CA GLU B 119 -19.34 -14.11 -10.60
C GLU B 119 -18.20 -13.64 -9.69
N ILE B 120 -17.20 -13.05 -10.33
CA ILE B 120 -16.11 -12.40 -9.63
C ILE B 120 -16.49 -10.95 -9.43
N ILE B 121 -16.36 -10.44 -8.21
CA ILE B 121 -16.63 -9.04 -7.90
C ILE B 121 -15.33 -8.31 -7.57
N TYR B 122 -14.88 -7.46 -8.48
CA TYR B 122 -13.57 -6.83 -8.36
C TYR B 122 -13.67 -5.49 -7.63
N ARG B 123 -13.16 -5.46 -6.41
CA ARG B 123 -13.31 -4.27 -5.59
C ARG B 123 -12.22 -3.21 -5.85
N GLU B 124 -12.22 -2.21 -4.96
CA GLU B 124 -11.48 -0.97 -5.13
C GLU B 124 -10.23 -1.09 -4.25
N PRO B 125 -9.11 -0.40 -4.54
CA PRO B 125 -7.99 -0.36 -3.59
C PRO B 125 -8.23 0.57 -2.41
N ILE B 126 -7.24 0.59 -1.52
CA ILE B 126 -7.28 1.28 -0.24
C ILE B 126 -7.54 2.76 -0.44
N GLY B 127 -6.74 3.42 -1.30
CA GLY B 127 -6.94 4.82 -1.62
C GLY B 127 -6.57 5.73 -0.44
N ALA B 128 -6.95 7.03 -0.57
CA ALA B 128 -6.61 8.07 0.39
C ALA B 128 -7.66 8.12 1.51
N ASP B 129 -7.68 7.04 2.27
CA ASP B 129 -8.65 6.85 3.31
C ASP B 129 -8.12 7.51 4.59
N ASP B 130 -9.03 8.14 5.34
CA ASP B 130 -8.69 8.84 6.57
C ASP B 130 -7.87 7.98 7.51
N ARG B 131 -8.17 6.67 7.54
CA ARG B 131 -7.55 5.75 8.49
C ARG B 131 -6.08 5.58 8.12
N ILE B 132 -5.77 5.80 6.83
CA ILE B 132 -4.40 5.74 6.36
C ILE B 132 -3.64 6.96 6.89
N VAL B 133 -4.30 8.13 6.89
CA VAL B 133 -3.61 9.29 7.44
C VAL B 133 -3.40 9.13 8.95
N ASP B 134 -4.35 8.48 9.65
CA ASP B 134 -4.12 8.09 11.03
C ASP B 134 -2.86 7.22 11.13
N ILE B 135 -2.77 6.20 10.27
CA ILE B 135 -1.66 5.27 10.34
C ILE B 135 -0.36 6.00 10.08
N ILE B 136 -0.35 6.82 9.03
CA ILE B 136 0.86 7.57 8.67
C ILE B 136 1.33 8.42 9.84
N ILE B 137 0.39 9.05 10.56
CA ILE B 137 0.73 9.97 11.63
C ILE B 137 1.42 9.17 12.74
N ASP B 138 0.87 8.01 13.07
CA ASP B 138 1.45 7.11 14.05
C ASP B 138 2.86 6.71 13.63
N ARG B 139 3.04 6.42 12.34
CA ARG B 139 4.34 5.99 11.85
C ARG B 139 5.37 7.10 11.97
N ALA B 140 4.95 8.35 11.74
CA ALA B 140 5.84 9.49 11.90
C ALA B 140 6.42 9.51 13.31
N PHE B 141 5.59 9.13 14.30
CA PHE B 141 5.92 9.24 15.72
C PHE B 141 6.55 7.97 16.27
N GLY B 142 6.92 7.05 15.38
CA GLY B 142 7.60 5.83 15.78
C GLY B 142 6.70 4.93 16.61
N ARG B 143 5.39 5.20 16.55
CA ARG B 143 4.35 4.42 17.20
C ARG B 143 3.65 3.55 16.15
NI NI C . 9.19 -0.72 -8.07
NI NI D . 4.87 -4.49 -10.20
C2A SHN E . 10.31 -4.86 -8.22
C2B SHN E . 7.49 -1.66 -12.58
CMA SHN E . 11.50 -4.82 -7.27
CMB SHN E . 8.59 -0.76 -13.13
NB SHN E . 6.89 -1.52 -10.27
ND SHN E . 6.59 -2.85 -6.53
C1A SHN E . 9.05 -4.18 -7.70
C1B SHN E . 7.76 -2.04 -11.14
C1C SHN E . 4.27 -0.51 -9.15
C1D SHN E . 5.60 -2.61 -5.64
C2C SHN E . 3.17 0.37 -8.65
C2D SHN E . 5.63 -3.37 -4.38
C3A SHN E . 10.54 -4.02 -9.47
C3B SHN E . 6.16 -0.97 -12.42
C3C SHN E . 3.14 0.03 -7.23
C3D SHN E . 6.82 -4.20 -4.57
C4A SHN E . 9.19 -3.38 -9.61
C4B SHN E . 5.89 -0.99 -10.95
C4C SHN E . 4.22 -0.98 -7.13
C4D SHN E . 7.32 -3.81 -5.92
CAA SHN E . 11.63 -2.97 -9.35
CAB SHN E . 6.10 0.44 -12.99
CAC SHN E . 2.23 0.59 -6.16
CAD SHN E . 4.67 -3.30 -3.21
CBA SHN E . 12.69 -3.17 -10.41
CBB SHN E . 4.92 0.61 -13.94
CBC SHN E . 1.94 -0.46 -5.10
CBD SHN E . 4.27 -1.85 -2.95
CCA SHN E . 13.68 -2.09 -10.10
CCB SHN E . 5.00 -0.38 -15.09
CCC SHN E . 0.91 0.06 -4.13
CCD SHN E . 3.55 -1.76 -1.63
CDA SHN E . 9.99 -6.30 -8.62
CDB SHN E . 7.40 -2.91 -13.45
CDC SHN E . 2.31 1.35 -9.42
CDD SHN E . 7.43 -5.23 -3.62
CEA SHN E . 8.90 -6.29 -9.69
CEB SHN E . 6.18 -3.74 -13.12
CEC SHN E . 1.66 0.70 -10.63
CED SHN E . 8.92 -4.98 -3.51
CHA SHN E . 8.53 -4.40 -6.51
CHB SHN E . 8.75 -2.88 -10.90
CHC SHN E . 4.71 -0.56 -10.54
CHD SHN E . 4.56 -1.62 -5.87
NA SHN E . 8.49 -3.37 -8.57
NC SHN E . 4.89 -1.31 -8.25
O1A SHN E . 13.32 -0.92 -9.82
O1B SHN E . 4.87 0.11 -16.23
O1C SHN E . 1.47 1.39 -11.67
O1D SHN E . 2.77 -0.80 -1.40
O2A SHN E . 14.86 -2.46 -10.08
O2B SHN E . 5.17 -1.60 -14.88
O2C SHN E . 1.36 -0.51 -10.55
O2D SHN E . 3.78 -2.69 -0.81
O3A SHN E . 7.73 -6.09 -9.32
O3B SHN E . 5.73 -3.85 -11.92
O3C SHN E . 0.30 1.09 -4.49
O3D SHN E . 9.38 -3.84 -3.81
O4A SHN E . 9.21 -6.44 -10.89
O4B SHN E . 5.66 -4.34 -14.09
O4C SHN E . 0.69 -0.57 -3.04
O4D SHN E . 9.66 -5.93 -3.14
#